data_8VRA
#
_entry.id   8VRA
#
_cell.length_a   1.00
_cell.length_b   1.00
_cell.length_c   1.00
_cell.angle_alpha   90.00
_cell.angle_beta   90.00
_cell.angle_gamma   90.00
#
_symmetry.space_group_name_H-M   'P 1'
#
loop_
_entity.id
_entity.type
_entity.pdbx_description
1 polymer 'HLA class I histocompatibility antigen, A alpha chain'
2 polymer Beta-2-microglobulin
3 polymer 'GTPase KRas, N-terminally processed'
4 polymer 'R023 Fab light chain'
5 polymer 'R023 Fab heavy chain'
6 non-polymer 'AMG 510 (bound form)'
#
loop_
_entity_poly.entity_id
_entity_poly.type
_entity_poly.pdbx_seq_one_letter_code
_entity_poly.pdbx_strand_id
1 'polypeptide(L)'
;GSHSMRYFFTSVSRPGRGEPRFIAVGYVDDTQFVRFDSDAASQRMEPRAPWIEQEGPEYWDQETRNVKAQSQTDRVDLGT
LRGYYNQSEAGSHTIQIMYGCDVGSDGRFLRGYRQDAYDGKDYIALNEDLRSWTAADMAAQITKRKWEAAHEAEQLRAYL
DGTCVEWLRRYLENGKETLQRTDPPKTHMTHHPISDHEATLRCWALGFYPAEITLTWQRDGEDQTQDTELVETRPAGDGT
FQKWAAVVVPSGEEQRYTCHVQHEGLPKPLTLRWE
;
A
2 'polypeptide(L)'
;IQRTPKIQVYSRHPAENGKSNFLNCYVSGFHPSDIEVDLLKNGERIEKVEHSDLSFSKDWSFYLLYYTEFTPTEKDEYAC
RVNHVTLSQPKIVKWDRDM
;
B
3 'polypeptide(L)' VVVGACGVGK C
4 'polypeptide(L)'
;DIQMTQSPSSLSASVGDRVTITCRASQSVSSAVAWYQQKPGKAPKLLIYSASSLYSGVPSRFSGSRSGTDFTLTISSLQP
EDFATYYCQQASYVRKTITFGQGTKVEIKRTVAAPSVFIFPPSDSQLKSGTASVVCLLNNFYPREAKVQWKVDNALQSGN
SQESVTEQDSKDSTYSLSSTLTLSKADYEKHKVYACEVTHQGLSSPVTKSFNRGEC
;
D
5 'polypeptide(L)'
;EISEVQLVESGGGLVQPGGSLRLSCAASGFTFSDYSIHWVRQAPGKGLEWVASISSSSGSTSYADSVKGRFTISADTSKN
TAYLQMNSLRAEDTAVYYCARGGWIAAMDYWGQGTLVTVFNQIKGPSVFPLAPSSKSTSGGTAALGCLVKDYFPEPVTVS
WNSGALTSGVHTFPAVLQSSGLYSLSSVVTVPSSSLGTQTYICNVNHKPSNTKVDKKVEPKSCDKTHT
;
E
#
loop_
_chem_comp.id
_chem_comp.type
_chem_comp.name
_chem_comp.formula
MOV non-polymer 'AMG 510 (bound form)' 'C30 H32 F2 N6 O3'
#
# COMPACT_ATOMS: atom_id res chain seq x y z
N GLY A 1 5.41 -15.79 5.96
CA GLY A 1 5.27 -14.56 6.72
C GLY A 1 5.09 -13.33 5.87
N SER A 2 4.87 -13.54 4.58
CA SER A 2 4.66 -12.43 3.65
C SER A 2 3.47 -11.59 4.06
N HIS A 3 3.65 -10.28 4.06
CA HIS A 3 2.65 -9.33 4.49
C HIS A 3 2.31 -8.39 3.35
N SER A 4 1.09 -7.84 3.39
CA SER A 4 0.59 -7.00 2.31
C SER A 4 -0.27 -5.88 2.88
N MET A 5 -0.22 -4.72 2.22
CA MET A 5 -1.03 -3.57 2.56
C MET A 5 -1.80 -3.12 1.33
N ARG A 6 -3.09 -3.35 1.28
CA ARG A 6 -3.85 -3.10 0.06
C ARG A 6 -4.84 -2.01 0.31
N TYR A 7 -5.14 -1.22 -0.68
CA TYR A 7 -6.09 -0.11 -0.63
C TYR A 7 -7.14 -0.32 -1.70
N PHE A 8 -8.41 -0.29 -1.30
CA PHE A 8 -9.54 -0.53 -2.19
C PHE A 8 -10.36 0.75 -2.30
N PHE A 9 -10.57 1.22 -3.52
CA PHE A 9 -11.35 2.43 -3.78
C PHE A 9 -12.54 2.07 -4.65
N THR A 10 -13.73 2.52 -4.26
CA THR A 10 -14.96 2.24 -4.97
C THR A 10 -15.68 3.56 -5.24
N SER A 11 -15.60 4.03 -6.48
CA SER A 11 -16.26 5.26 -6.91
C SER A 11 -17.47 4.87 -7.74
N VAL A 12 -18.67 5.16 -7.22
CA VAL A 12 -19.92 4.81 -7.88
C VAL A 12 -20.64 6.08 -8.27
N SER A 13 -20.97 6.20 -9.55
CA SER A 13 -21.67 7.38 -10.04
C SER A 13 -23.17 7.23 -9.84
N ARG A 14 -23.79 8.31 -9.38
CA ARG A 14 -25.25 8.37 -9.18
C ARG A 14 -25.77 9.61 -9.88
N PRO A 15 -26.02 9.53 -11.18
CA PRO A 15 -26.49 10.71 -11.92
C PRO A 15 -27.82 11.21 -11.38
N GLY A 16 -27.96 12.52 -11.30
CA GLY A 16 -29.19 13.12 -10.83
C GLY A 16 -29.44 13.01 -9.34
N ARG A 17 -28.45 12.59 -8.56
CA ARG A 17 -28.60 12.48 -7.12
C ARG A 17 -27.43 13.08 -6.35
N GLY A 18 -26.52 13.81 -7.02
CA GLY A 18 -25.40 14.44 -6.37
C GLY A 18 -24.08 13.98 -6.97
N GLU A 19 -23.02 14.04 -6.16
CA GLU A 19 -21.70 13.63 -6.61
C GLU A 19 -21.55 12.11 -6.52
N PRO A 20 -20.66 11.53 -7.31
CA PRO A 20 -20.40 10.10 -7.20
C PRO A 20 -19.97 9.72 -5.79
N ARG A 21 -20.45 8.56 -5.33
CA ARG A 21 -20.11 8.07 -4.00
C ARG A 21 -18.73 7.44 -4.03
N PHE A 22 -17.89 7.79 -3.05
CA PHE A 22 -16.51 7.35 -3.00
C PHE A 22 -16.24 6.70 -1.65
N ILE A 23 -15.73 5.47 -1.66
CA ILE A 23 -15.40 4.74 -0.45
C ILE A 23 -13.98 4.22 -0.58
N ALA A 24 -13.14 4.53 0.39
CA ALA A 24 -11.74 4.12 0.40
C ALA A 24 -11.47 3.31 1.66
N VAL A 25 -10.84 2.15 1.49
CA VAL A 25 -10.57 1.23 2.59
C VAL A 25 -9.14 0.73 2.46
N GLY A 26 -8.44 0.64 3.59
CA GLY A 26 -7.09 0.13 3.60
C GLY A 26 -6.96 -1.07 4.53
N TYR A 27 -6.10 -1.99 4.12
CA TYR A 27 -6.04 -3.25 4.87
C TYR A 27 -4.56 -3.59 4.99
N VAL A 28 -3.94 -3.63 6.16
CA VAL A 28 -2.67 -4.36 6.39
C VAL A 28 -3.08 -5.78 6.62
N ASP A 29 -2.63 -6.73 5.81
CA ASP A 29 -3.01 -8.15 5.92
C ASP A 29 -4.50 -8.16 5.72
N ASP A 30 -5.23 -8.77 6.63
CA ASP A 30 -6.71 -8.78 6.55
C ASP A 30 -7.34 -7.93 7.63
N THR A 31 -6.58 -7.05 8.25
CA THR A 31 -7.10 -6.15 9.28
C THR A 31 -7.31 -4.79 8.65
N GLN A 32 -8.54 -4.35 8.47
CA GLN A 32 -8.76 -3.00 7.96
C GLN A 32 -8.12 -2.08 8.96
N PHE A 33 -7.68 -0.91 8.56
CA PHE A 33 -7.13 0.05 9.51
C PHE A 33 -7.48 1.50 9.21
N VAL A 34 -7.97 1.81 8.03
CA VAL A 34 -8.45 3.15 7.69
C VAL A 34 -9.77 3.02 6.97
N ARG A 35 -10.39 4.16 6.68
CA ARG A 35 -11.70 4.22 6.06
C ARG A 35 -11.95 5.63 5.57
N PHE A 36 -12.70 5.75 4.49
CA PHE A 36 -13.14 7.05 3.99
C PHE A 36 -14.46 6.84 3.27
N ASP A 37 -15.47 7.61 3.66
CA ASP A 37 -16.77 7.59 3.00
C ASP A 37 -17.13 9.00 2.58
N SER A 38 -17.53 9.17 1.32
CA SER A 38 -17.86 10.49 0.81
C SER A 38 -19.20 11.00 1.33
N ASP A 39 -19.98 10.16 2.01
CA ASP A 39 -21.24 10.58 2.60
C ASP A 39 -21.14 10.89 4.08
N ALA A 40 -20.22 10.25 4.80
CA ALA A 40 -20.05 10.54 6.22
C ALA A 40 -19.71 12.00 6.43
N ALA A 41 -20.30 12.60 7.48
CA ALA A 41 -20.13 14.02 7.72
C ALA A 41 -18.71 14.39 8.11
N SER A 42 -17.90 13.42 8.56
CA SER A 42 -16.54 13.73 8.96
C SER A 42 -15.70 14.20 7.79
N GLN A 43 -15.86 13.55 6.62
CA GLN A 43 -15.08 13.88 5.42
C GLN A 43 -13.58 13.77 5.69
N ARG A 44 -13.19 12.76 6.46
CA ARG A 44 -11.80 12.56 6.84
C ARG A 44 -11.47 11.08 6.79
N MET A 45 -10.17 10.75 6.73
CA MET A 45 -9.73 9.35 6.76
C MET A 45 -9.91 8.93 8.20
N GLU A 46 -10.85 8.04 8.46
CA GLU A 46 -11.21 7.60 9.80
C GLU A 46 -10.46 6.33 10.16
N PRO A 47 -9.74 6.31 11.28
CA PRO A 47 -9.09 5.07 11.69
C PRO A 47 -10.11 4.00 12.04
N ARG A 48 -9.74 2.75 11.78
CA ARG A 48 -10.59 1.61 12.12
C ARG A 48 -9.81 0.53 12.86
N ALA A 49 -8.65 0.86 13.41
CA ALA A 49 -7.82 -0.06 14.17
C ALA A 49 -7.33 0.65 15.41
N PRO A 50 -7.00 -0.11 16.46
CA PRO A 50 -6.47 0.53 17.67
C PRO A 50 -5.01 0.91 17.54
N TRP A 51 -4.26 0.20 16.70
CA TRP A 51 -2.84 0.45 16.54
C TRP A 51 -2.53 1.55 15.53
N ILE A 52 -3.56 2.10 14.87
CA ILE A 52 -3.36 3.17 13.90
C ILE A 52 -3.74 4.54 14.48
N GLU A 53 -4.32 4.58 15.67
CA GLU A 53 -4.68 5.84 16.29
C GLU A 53 -3.50 6.51 16.98
N GLN A 54 -2.33 5.86 16.99
CA GLN A 54 -1.12 6.47 17.54
C GLN A 54 -0.41 7.39 16.55
N GLU A 55 -1.04 7.65 15.41
CA GLU A 55 -0.45 8.50 14.35
C GLU A 55 -0.84 9.95 14.59
N GLY A 56 0.10 10.89 14.52
CA GLY A 56 -0.15 12.28 14.83
C GLY A 56 -1.14 12.90 13.89
N PRO A 57 -1.56 14.14 14.20
CA PRO A 57 -2.54 14.81 13.34
C PRO A 57 -2.03 15.08 11.94
N GLU A 58 -0.72 15.10 11.73
CA GLU A 58 -0.19 15.31 10.38
C GLU A 58 -0.42 14.09 9.49
N TYR A 59 -0.41 12.89 10.08
CA TYR A 59 -0.69 11.69 9.30
C TYR A 59 -2.12 11.72 8.74
N TRP A 60 -3.08 12.14 9.55
CA TRP A 60 -4.47 12.14 9.10
C TRP A 60 -4.82 13.36 8.25
N ASP A 61 -3.94 14.36 8.25
CA ASP A 61 -4.11 15.58 7.42
C ASP A 61 -3.63 15.26 6.01
N GLN A 62 -2.46 14.61 5.88
CA GLN A 62 -1.94 14.19 4.58
C GLN A 62 -2.79 13.08 3.99
N GLU A 63 -3.20 12.13 4.83
CA GLU A 63 -3.94 10.97 4.33
C GLU A 63 -5.30 11.39 3.80
N THR A 64 -5.96 12.33 4.47
CA THR A 64 -7.24 12.85 4.00
C THR A 64 -7.08 13.63 2.71
N ARG A 65 -6.02 14.44 2.61
CA ARG A 65 -5.79 15.22 1.41
C ARG A 65 -5.50 14.32 0.21
N ASN A 66 -4.76 13.23 0.43
CA ASN A 66 -4.39 12.32 -0.66
C ASN A 66 -5.49 11.34 -1.02
N VAL A 67 -6.53 11.20 -0.20
CA VAL A 67 -7.64 10.33 -0.57
C VAL A 67 -8.79 11.13 -1.17
N LYS A 68 -8.93 12.41 -0.85
CA LYS A 68 -9.91 13.24 -1.53
C LYS A 68 -9.44 13.59 -2.94
N ALA A 69 -8.13 13.74 -3.13
CA ALA A 69 -7.59 13.96 -4.46
C ALA A 69 -7.83 12.76 -5.37
N GLN A 70 -7.84 11.56 -4.79
CA GLN A 70 -8.25 10.38 -5.55
C GLN A 70 -9.76 10.34 -5.75
N SER A 71 -10.52 10.86 -4.79
CA SER A 71 -11.97 10.93 -4.94
C SER A 71 -12.35 11.84 -6.09
N GLN A 72 -11.69 12.99 -6.20
CA GLN A 72 -11.98 13.91 -7.29
C GLN A 72 -11.42 13.44 -8.61
N THR A 73 -10.33 12.68 -8.60
CA THR A 73 -9.82 12.09 -9.83
C THR A 73 -10.81 11.07 -10.38
N ASP A 74 -11.27 10.15 -9.52
CA ASP A 74 -12.27 9.18 -9.95
C ASP A 74 -13.57 9.84 -10.33
N ARG A 75 -13.81 11.07 -9.87
CA ARG A 75 -15.01 11.80 -10.24
C ARG A 75 -14.96 12.31 -11.67
N VAL A 76 -13.76 12.38 -12.27
CA VAL A 76 -13.64 12.80 -13.66
C VAL A 76 -13.31 11.64 -14.59
N ASP A 77 -12.87 10.50 -14.06
CA ASP A 77 -12.71 9.31 -14.90
C ASP A 77 -14.05 8.66 -15.21
N LEU A 78 -15.01 8.77 -14.28
CA LEU A 78 -16.34 8.23 -14.56
C LEU A 78 -16.96 8.92 -15.76
N GLY A 79 -16.82 10.23 -15.86
CA GLY A 79 -17.28 10.93 -17.05
C GLY A 79 -16.40 10.65 -18.26
N THR A 80 -15.11 10.42 -18.04
CA THR A 80 -14.22 10.12 -19.16
C THR A 80 -14.50 8.72 -19.72
N LEU A 81 -14.64 7.73 -18.84
CA LEU A 81 -14.91 6.37 -19.32
C LEU A 81 -16.33 6.23 -19.84
N ARG A 82 -17.25 7.06 -19.36
CA ARG A 82 -18.62 7.01 -19.88
C ARG A 82 -18.66 7.34 -21.37
N GLY A 83 -17.88 8.34 -21.80
CA GLY A 83 -17.78 8.66 -23.21
C GLY A 83 -16.92 7.67 -23.97
N TYR A 84 -15.95 7.07 -23.27
CA TYR A 84 -15.08 6.07 -23.91
C TYR A 84 -15.90 4.86 -24.35
N TYR A 85 -16.82 4.41 -23.50
CA TYR A 85 -17.75 3.35 -23.87
C TYR A 85 -19.01 3.89 -24.53
N ASN A 86 -19.19 5.20 -24.56
CA ASN A 86 -20.36 5.85 -25.16
C ASN A 86 -21.65 5.32 -24.54
N GLN A 87 -21.78 5.55 -23.24
CA GLN A 87 -22.96 5.15 -22.48
C GLN A 87 -23.79 6.38 -22.14
N SER A 88 -25.08 6.15 -21.87
CA SER A 88 -25.98 7.23 -21.52
C SER A 88 -25.55 7.86 -20.20
N GLU A 89 -25.71 9.18 -20.09
CA GLU A 89 -25.27 9.94 -18.93
C GLU A 89 -26.25 9.87 -17.77
N ALA A 90 -27.18 8.92 -17.76
CA ALA A 90 -28.15 8.79 -16.70
C ALA A 90 -28.11 7.39 -16.08
N GLY A 91 -26.97 6.71 -16.20
CA GLY A 91 -26.80 5.38 -15.63
C GLY A 91 -25.69 5.36 -14.60
N SER A 92 -25.80 4.43 -13.66
CA SER A 92 -24.82 4.28 -12.60
C SER A 92 -23.65 3.43 -13.08
N HIS A 93 -22.43 3.89 -12.79
CA HIS A 93 -21.23 3.19 -13.23
C HIS A 93 -20.21 3.19 -12.10
N THR A 94 -19.46 2.10 -11.98
CA THR A 94 -18.56 1.86 -10.86
C THR A 94 -17.13 1.79 -11.34
N ILE A 95 -16.23 2.52 -10.68
CA ILE A 95 -14.80 2.44 -10.91
C ILE A 95 -14.17 1.92 -9.62
N GLN A 96 -13.47 0.80 -9.71
CA GLN A 96 -12.79 0.20 -8.58
C GLN A 96 -11.29 0.19 -8.81
N ILE A 97 -10.54 0.53 -7.78
CA ILE A 97 -9.08 0.61 -7.87
C ILE A 97 -8.48 -0.09 -6.67
N MET A 98 -7.46 -0.90 -6.92
CA MET A 98 -6.74 -1.58 -5.86
C MET A 98 -5.24 -1.43 -6.11
N TYR A 99 -4.49 -1.14 -5.06
CA TYR A 99 -3.04 -1.15 -5.13
C TYR A 99 -2.46 -1.48 -3.76
N GLY A 100 -1.16 -1.68 -3.71
CA GLY A 100 -0.49 -2.01 -2.49
C GLY A 100 0.85 -2.66 -2.77
N CYS A 101 1.33 -3.41 -1.79
CA CYS A 101 2.63 -4.07 -1.90
C CYS A 101 2.60 -5.35 -1.10
N ASP A 102 3.56 -6.22 -1.43
CA ASP A 102 3.73 -7.46 -0.69
C ASP A 102 5.13 -7.40 -0.09
N VAL A 103 5.24 -7.49 1.23
CA VAL A 103 6.50 -7.42 1.93
C VAL A 103 6.73 -8.75 2.63
N GLY A 104 7.85 -9.40 2.34
CA GLY A 104 8.13 -10.70 2.90
C GLY A 104 8.37 -10.63 4.40
N SER A 105 8.55 -11.82 4.99
CA SER A 105 8.87 -11.89 6.41
C SER A 105 10.19 -11.22 6.72
N ASP A 106 11.05 -11.07 5.71
CA ASP A 106 12.31 -10.36 5.86
C ASP A 106 12.12 -8.86 5.98
N GLY A 107 10.97 -8.34 5.59
CA GLY A 107 10.78 -6.91 5.53
C GLY A 107 11.22 -6.29 4.23
N ARG A 108 11.23 -7.05 3.15
CA ARG A 108 11.70 -6.59 1.85
C ARG A 108 10.57 -6.62 0.83
N PHE A 109 10.76 -5.89 -0.25
CA PHE A 109 9.76 -5.81 -1.31
C PHE A 109 9.64 -7.14 -2.02
N LEU A 110 8.40 -7.55 -2.29
CA LEU A 110 8.16 -8.77 -3.07
C LEU A 110 7.43 -8.46 -4.36
N ARG A 111 6.28 -7.79 -4.23
CA ARG A 111 5.47 -7.49 -5.41
C ARG A 111 4.58 -6.28 -5.20
N GLY A 112 4.43 -5.46 -6.22
CA GLY A 112 3.59 -4.27 -6.14
C GLY A 112 2.43 -4.37 -7.11
N TYR A 113 1.27 -3.91 -6.67
CA TYR A 113 0.03 -4.06 -7.41
C TYR A 113 -0.55 -2.70 -7.75
N ARG A 114 -1.25 -2.65 -8.88
CA ARG A 114 -2.10 -1.51 -9.23
C ARG A 114 -3.08 -2.01 -10.27
N GLN A 115 -4.36 -2.12 -9.90
CA GLN A 115 -5.35 -2.71 -10.78
C GLN A 115 -6.63 -1.91 -10.70
N ASP A 116 -7.08 -1.41 -11.85
CA ASP A 116 -8.34 -0.68 -11.97
C ASP A 116 -9.39 -1.56 -12.61
N ALA A 117 -10.65 -1.15 -12.50
CA ALA A 117 -11.75 -1.91 -13.07
C ALA A 117 -12.93 -0.98 -13.30
N TYR A 118 -13.55 -1.08 -14.47
CA TYR A 118 -14.75 -0.32 -14.81
C TYR A 118 -15.92 -1.28 -14.92
N ASP A 119 -16.97 -1.02 -14.15
CA ASP A 119 -18.20 -1.82 -14.19
C ASP A 119 -17.92 -3.29 -13.85
N GLY A 120 -17.02 -3.53 -12.90
CA GLY A 120 -16.78 -4.87 -12.42
C GLY A 120 -15.80 -5.67 -13.23
N LYS A 121 -15.75 -5.42 -14.54
CA LYS A 121 -14.79 -6.11 -15.39
C LYS A 121 -13.44 -5.42 -15.30
N ASP A 122 -12.38 -6.19 -15.59
CA ASP A 122 -11.05 -5.62 -15.59
C ASP A 122 -10.95 -4.50 -16.61
N TYR A 123 -10.28 -3.41 -16.23
CA TYR A 123 -10.05 -2.29 -17.13
C TYR A 123 -8.57 -2.14 -17.48
N ILE A 124 -7.71 -2.01 -16.48
CA ILE A 124 -6.27 -1.90 -16.70
C ILE A 124 -5.57 -2.41 -15.46
N ALA A 125 -4.29 -2.75 -15.61
CA ALA A 125 -3.54 -3.32 -14.50
C ALA A 125 -2.07 -3.00 -14.70
N LEU A 126 -1.30 -3.17 -13.63
CA LEU A 126 0.14 -2.96 -13.64
C LEU A 126 0.84 -4.30 -13.58
N ASN A 127 1.73 -4.55 -14.55
CA ASN A 127 2.39 -5.84 -14.63
C ASN A 127 3.44 -6.00 -13.53
N GLU A 128 3.90 -7.23 -13.35
CA GLU A 128 4.85 -7.56 -12.28
C GLU A 128 6.16 -6.80 -12.43
N ASP A 129 6.49 -6.34 -13.63
CA ASP A 129 7.73 -5.58 -13.82
C ASP A 129 7.58 -4.13 -13.40
N LEU A 130 6.35 -3.70 -13.09
CA LEU A 130 6.09 -2.37 -12.55
C LEU A 130 6.45 -1.25 -13.51
N ARG A 131 6.45 -1.54 -14.81
CA ARG A 131 6.65 -0.50 -15.81
C ARG A 131 5.77 -0.66 -17.04
N SER A 132 4.88 -1.65 -17.08
CA SER A 132 4.02 -1.87 -18.22
C SER A 132 2.61 -2.13 -17.76
N TRP A 133 1.64 -1.67 -18.54
CA TRP A 133 0.23 -1.86 -18.24
C TRP A 133 -0.35 -2.96 -19.12
N THR A 134 -1.47 -3.52 -18.66
CA THR A 134 -2.17 -4.58 -19.37
C THR A 134 -3.62 -4.15 -19.55
N ALA A 135 -3.89 -3.47 -20.65
CA ALA A 135 -5.25 -3.04 -20.95
C ALA A 135 -6.12 -4.25 -21.25
N ALA A 136 -7.39 -4.18 -20.84
CA ALA A 136 -8.27 -5.34 -20.91
C ALA A 136 -9.20 -5.32 -22.12
N ASP A 137 -9.47 -4.16 -22.70
CA ASP A 137 -10.41 -4.07 -23.81
C ASP A 137 -9.94 -2.96 -24.75
N MET A 138 -10.83 -2.55 -25.66
CA MET A 138 -10.48 -1.56 -26.67
C MET A 138 -10.65 -0.13 -26.17
N ALA A 139 -11.38 0.08 -25.08
CA ALA A 139 -11.48 1.40 -24.47
C ALA A 139 -10.34 1.69 -23.52
N ALA A 140 -9.72 0.65 -22.96
CA ALA A 140 -8.58 0.82 -22.07
C ALA A 140 -7.27 1.04 -22.82
N GLN A 141 -7.26 0.88 -24.14
CA GLN A 141 -6.05 1.17 -24.90
C GLN A 141 -5.76 2.66 -24.94
N ILE A 142 -6.80 3.49 -24.86
CA ILE A 142 -6.57 4.93 -24.80
C ILE A 142 -5.92 5.30 -23.48
N THR A 143 -6.37 4.72 -22.37
CA THR A 143 -5.75 4.97 -21.08
C THR A 143 -4.31 4.49 -21.07
N LYS A 144 -4.06 3.32 -21.64
CA LYS A 144 -2.70 2.80 -21.69
C LYS A 144 -1.79 3.70 -22.52
N ARG A 145 -2.37 4.48 -23.43
CA ARG A 145 -1.57 5.43 -24.19
C ARG A 145 -1.37 6.74 -23.42
N LYS A 146 -2.40 7.18 -22.69
CA LYS A 146 -2.23 8.36 -21.84
C LYS A 146 -1.27 8.06 -20.69
N TRP A 147 -1.23 6.83 -20.21
CA TRP A 147 -0.41 6.47 -19.07
C TRP A 147 1.02 6.09 -19.46
N GLU A 148 1.31 5.95 -20.75
CA GLU A 148 2.66 5.73 -21.22
C GLU A 148 3.32 7.00 -21.74
N ALA A 149 2.55 7.89 -22.37
CA ALA A 149 3.09 9.16 -22.82
C ALA A 149 3.41 10.08 -21.65
N ALA A 150 2.68 9.95 -20.55
CA ALA A 150 2.89 10.77 -19.37
C ALA A 150 3.62 10.04 -18.26
N HIS A 151 4.11 8.83 -18.53
CA HIS A 151 4.91 8.06 -17.59
C HIS A 151 4.18 7.87 -16.26
N GLU A 152 2.99 7.28 -16.36
CA GLU A 152 2.21 7.03 -15.15
C GLU A 152 2.76 5.86 -14.35
N ALA A 153 3.35 4.88 -15.01
CA ALA A 153 3.89 3.71 -14.34
C ALA A 153 5.26 3.94 -13.74
N GLU A 154 5.94 5.04 -14.10
CA GLU A 154 7.24 5.37 -13.54
C GLU A 154 7.17 6.29 -12.33
N GLN A 155 6.21 7.22 -12.30
CA GLN A 155 5.98 8.01 -11.10
C GLN A 155 5.39 7.18 -9.99
N LEU A 156 4.46 6.28 -10.30
CA LEU A 156 3.87 5.37 -9.34
C LEU A 156 4.87 4.35 -8.80
N ARG A 157 5.96 4.11 -9.53
CA ARG A 157 6.96 3.13 -9.13
C ARG A 157 7.56 3.42 -7.77
N ALA A 158 7.82 4.67 -7.43
CA ALA A 158 8.43 5.04 -6.17
C ALA A 158 7.48 4.93 -4.99
N TYR A 159 6.19 4.67 -5.24
CA TYR A 159 5.24 4.49 -4.16
C TYR A 159 5.06 3.02 -3.80
N LEU A 160 4.72 2.18 -4.79
CA LEU A 160 4.57 0.76 -4.54
C LEU A 160 5.88 0.13 -4.10
N ASP A 161 6.98 0.52 -4.75
CA ASP A 161 8.28 -0.08 -4.51
C ASP A 161 8.93 0.49 -3.25
N GLY A 162 8.83 1.81 -3.07
CA GLY A 162 9.43 2.44 -1.90
C GLY A 162 8.51 2.80 -0.76
N THR A 163 7.41 3.51 -1.05
CA THR A 163 6.59 4.09 0.02
C THR A 163 5.72 3.08 0.74
N CYS A 164 5.08 2.16 0.02
CA CYS A 164 4.29 1.13 0.67
C CYS A 164 5.13 0.22 1.54
N VAL A 165 6.32 -0.19 1.08
CA VAL A 165 7.19 -1.04 1.88
C VAL A 165 7.65 -0.36 3.16
N GLU A 166 8.07 0.90 3.09
CA GLU A 166 8.48 1.63 4.27
C GLU A 166 7.34 1.89 5.25
N TRP A 167 6.14 2.16 4.74
CA TRP A 167 4.98 2.47 5.56
C TRP A 167 4.24 1.22 6.03
N LEU A 168 4.36 0.10 5.32
CA LEU A 168 3.78 -1.14 5.82
C LEU A 168 4.64 -1.74 6.92
N ARG A 169 5.97 -1.64 6.82
CA ARG A 169 6.84 -2.05 7.92
C ARG A 169 6.80 -1.07 9.08
N ARG A 170 5.96 -0.05 9.01
CA ARG A 170 5.69 0.73 10.22
C ARG A 170 4.48 0.19 10.96
N TYR A 171 3.52 -0.37 10.22
CA TYR A 171 2.30 -0.89 10.84
C TYR A 171 2.55 -2.23 11.52
N LEU A 172 3.44 -3.06 10.95
CA LEU A 172 3.67 -4.39 11.51
C LEU A 172 4.37 -4.35 12.87
N GLU A 173 5.01 -3.23 13.22
CA GLU A 173 5.54 -3.06 14.56
C GLU A 173 4.64 -2.23 15.46
N ASN A 174 3.92 -1.26 14.91
CA ASN A 174 2.92 -0.57 15.70
C ASN A 174 1.79 -1.52 16.08
N GLY A 175 1.27 -2.25 15.10
CA GLY A 175 0.31 -3.31 15.35
C GLY A 175 0.97 -4.66 15.48
N LYS A 176 1.89 -4.80 16.43
CA LYS A 176 2.63 -6.05 16.56
C LYS A 176 1.75 -7.15 17.14
N GLU A 177 0.98 -6.84 18.17
CA GLU A 177 0.15 -7.85 18.83
C GLU A 177 -1.12 -8.17 18.07
N THR A 178 -1.41 -7.47 16.98
CA THR A 178 -2.64 -7.68 16.23
C THR A 178 -2.40 -8.24 14.84
N LEU A 179 -1.57 -7.60 14.04
CA LEU A 179 -1.34 -8.06 12.67
C LEU A 179 -0.41 -9.27 12.61
N GLN A 180 0.54 -9.37 13.54
CA GLN A 180 1.56 -10.41 13.51
C GLN A 180 1.21 -11.57 14.43
N ARG A 181 -0.07 -11.90 14.53
CA ARG A 181 -0.54 -13.05 15.30
C ARG A 181 -1.15 -14.08 14.35
N THR A 182 -1.03 -15.35 14.73
CA THR A 182 -1.67 -16.45 14.02
C THR A 182 -2.49 -17.22 15.04
N ASP A 183 -3.81 -17.00 15.02
CA ASP A 183 -4.71 -17.74 15.91
C ASP A 183 -5.11 -19.04 15.23
N PRO A 184 -4.83 -20.19 15.84
CA PRO A 184 -5.19 -21.46 15.20
C PRO A 184 -6.70 -21.66 15.20
N PRO A 185 -7.22 -22.44 14.26
CA PRO A 185 -8.67 -22.67 14.22
C PRO A 185 -9.15 -23.47 15.41
N LYS A 186 -10.39 -23.21 15.81
CA LYS A 186 -11.07 -24.01 16.83
C LYS A 186 -11.97 -25.03 16.14
N THR A 187 -11.33 -26.04 15.58
CA THR A 187 -12.03 -27.01 14.74
C THR A 187 -12.89 -27.94 15.59
N HIS A 188 -14.05 -28.32 15.03
CA HIS A 188 -14.91 -29.33 15.61
C HIS A 188 -15.75 -29.91 14.49
N MET A 189 -16.49 -30.97 14.80
CA MET A 189 -17.25 -31.70 13.80
C MET A 189 -18.65 -32.00 14.33
N THR A 190 -19.64 -31.91 13.44
CA THR A 190 -21.04 -32.13 13.80
C THR A 190 -21.69 -33.05 12.80
N HIS A 191 -22.69 -33.80 13.27
CA HIS A 191 -23.46 -34.73 12.45
C HIS A 191 -24.91 -34.27 12.45
N HIS A 192 -25.44 -33.94 11.27
CA HIS A 192 -26.83 -33.54 11.13
C HIS A 192 -27.58 -34.54 10.28
N PRO A 193 -28.50 -35.32 10.86
CA PRO A 193 -29.22 -36.32 10.06
C PRO A 193 -30.25 -35.66 9.16
N ILE A 194 -30.33 -36.12 7.91
CA ILE A 194 -31.32 -35.63 6.97
C ILE A 194 -32.29 -36.75 6.64
N SER A 195 -31.84 -38.00 6.76
CA SER A 195 -32.67 -39.16 6.46
C SER A 195 -32.18 -40.34 7.29
N ASP A 196 -32.95 -41.42 7.24
CA ASP A 196 -32.54 -42.65 7.92
C ASP A 196 -31.31 -43.26 7.29
N HIS A 197 -31.19 -43.18 5.96
CA HIS A 197 -30.07 -43.77 5.24
C HIS A 197 -29.08 -42.74 4.72
N GLU A 198 -29.33 -41.45 4.95
CA GLU A 198 -28.42 -40.40 4.52
C GLU A 198 -28.26 -39.37 5.63
N ALA A 199 -27.07 -38.78 5.70
CA ALA A 199 -26.76 -37.77 6.70
C ALA A 199 -25.71 -36.84 6.14
N THR A 200 -25.32 -35.84 6.94
CA THR A 200 -24.29 -34.91 6.52
C THR A 200 -23.31 -34.71 7.66
N LEU A 201 -22.08 -34.35 7.31
CA LEU A 201 -21.00 -34.13 8.26
C LEU A 201 -20.42 -32.75 8.02
N ARG A 202 -20.45 -31.90 9.05
CA ARG A 202 -19.99 -30.52 8.94
C ARG A 202 -18.69 -30.37 9.71
N CYS A 203 -17.64 -29.96 9.02
CA CYS A 203 -16.32 -29.77 9.60
C CYS A 203 -16.09 -28.27 9.74
N TRP A 204 -15.90 -27.81 10.96
CA TRP A 204 -15.90 -26.38 11.25
C TRP A 204 -14.49 -25.85 11.43
N ALA A 205 -14.39 -24.52 11.43
CA ALA A 205 -13.14 -23.83 11.77
C ALA A 205 -13.53 -22.42 12.19
N LEU A 206 -13.40 -22.13 13.47
CA LEU A 206 -13.86 -20.86 14.02
C LEU A 206 -12.70 -20.08 14.62
N GLY A 207 -12.74 -18.76 14.46
CA GLY A 207 -11.81 -17.89 15.14
C GLY A 207 -10.36 -18.07 14.76
N PHE A 208 -10.05 -18.17 13.47
CA PHE A 208 -8.69 -18.28 13.00
C PHE A 208 -8.29 -17.04 12.23
N TYR A 209 -7.03 -16.63 12.39
CA TYR A 209 -6.47 -15.49 11.70
C TYR A 209 -5.04 -15.84 11.34
N PRO A 210 -4.59 -15.57 10.12
CA PRO A 210 -5.28 -14.93 8.99
C PRO A 210 -6.32 -15.82 8.34
N ALA A 211 -7.10 -15.25 7.42
CA ALA A 211 -8.27 -15.92 6.86
C ALA A 211 -7.91 -17.10 5.97
N GLU A 212 -6.64 -17.27 5.60
CA GLU A 212 -6.26 -18.32 4.65
C GLU A 212 -6.30 -19.67 5.34
N ILE A 213 -7.32 -20.47 5.03
CA ILE A 213 -7.47 -21.81 5.58
C ILE A 213 -7.91 -22.73 4.46
N THR A 214 -7.70 -24.03 4.66
CA THR A 214 -8.12 -25.05 3.69
C THR A 214 -8.78 -26.19 4.45
N LEU A 215 -10.06 -26.42 4.19
CA LEU A 215 -10.79 -27.57 4.72
C LEU A 215 -11.05 -28.55 3.59
N THR A 216 -10.68 -29.81 3.80
CA THR A 216 -10.82 -30.85 2.79
C THR A 216 -11.49 -32.07 3.38
N TRP A 217 -12.28 -32.75 2.57
CA TRP A 217 -13.03 -33.94 2.98
C TRP A 217 -12.50 -35.15 2.21
N GLN A 218 -11.53 -35.84 2.81
CA GLN A 218 -11.00 -37.05 2.20
C GLN A 218 -11.76 -38.28 2.69
N ARG A 219 -12.10 -39.16 1.76
CA ARG A 219 -12.74 -40.43 2.06
C ARG A 219 -11.68 -41.53 1.90
N ASP A 220 -11.07 -41.92 3.01
CA ASP A 220 -10.04 -42.96 3.02
C ASP A 220 -8.88 -42.58 2.08
N GLY A 221 -8.28 -41.44 2.35
CA GLY A 221 -7.13 -40.99 1.58
C GLY A 221 -7.42 -40.07 0.42
N GLU A 222 -8.41 -40.41 -0.42
CA GLU A 222 -8.71 -39.60 -1.59
C GLU A 222 -9.54 -38.39 -1.19
N ASP A 223 -9.03 -37.20 -1.50
CA ASP A 223 -9.77 -35.97 -1.22
C ASP A 223 -10.90 -35.81 -2.22
N GLN A 224 -12.12 -35.64 -1.71
CA GLN A 224 -13.30 -35.70 -2.57
C GLN A 224 -13.40 -34.49 -3.49
N THR A 225 -13.57 -33.30 -2.91
CA THR A 225 -13.86 -32.06 -3.63
C THR A 225 -15.15 -32.18 -4.44
N GLN A 226 -15.92 -33.25 -4.24
CA GLN A 226 -17.18 -33.47 -4.90
C GLN A 226 -18.28 -33.61 -3.84
N ASP A 227 -19.46 -33.11 -4.17
CA ASP A 227 -20.59 -32.97 -3.23
C ASP A 227 -20.10 -32.55 -1.85
N THR A 228 -19.39 -31.41 -1.84
CA THR A 228 -18.72 -30.91 -0.65
C THR A 228 -18.91 -29.40 -0.60
N GLU A 229 -19.89 -28.95 0.20
CA GLU A 229 -20.12 -27.53 0.37
C GLU A 229 -18.92 -26.88 1.04
N LEU A 230 -18.45 -25.77 0.49
CA LEU A 230 -17.19 -25.14 0.90
C LEU A 230 -17.39 -23.63 1.03
N VAL A 231 -18.40 -23.23 1.82
CA VAL A 231 -18.77 -21.82 1.93
C VAL A 231 -17.54 -20.95 2.19
N GLU A 232 -17.57 -19.75 1.64
CA GLU A 232 -16.42 -18.86 1.67
C GLU A 232 -16.03 -18.50 3.10
N THR A 233 -14.72 -18.28 3.29
CA THR A 233 -14.22 -17.82 4.58
C THR A 233 -14.89 -16.50 4.96
N ARG A 234 -15.74 -16.54 5.97
CA ARG A 234 -16.60 -15.49 6.46
C ARG A 234 -16.04 -14.88 7.75
N PRO A 235 -16.12 -13.56 7.92
CA PRO A 235 -15.54 -12.93 9.09
C PRO A 235 -16.45 -13.10 10.30
N ALA A 236 -15.85 -13.46 11.44
CA ALA A 236 -16.63 -13.52 12.66
C ALA A 236 -17.05 -12.13 13.11
N GLY A 237 -16.27 -11.11 12.76
CA GLY A 237 -16.55 -9.73 13.12
C GLY A 237 -15.61 -9.17 14.17
N ASP A 238 -14.87 -10.02 14.88
CA ASP A 238 -13.96 -9.58 15.93
C ASP A 238 -12.50 -9.73 15.50
N GLY A 239 -12.22 -9.61 14.21
CA GLY A 239 -10.88 -9.76 13.71
C GLY A 239 -10.47 -11.18 13.36
N THR A 240 -11.34 -12.16 13.55
CA THR A 240 -11.10 -13.54 13.20
C THR A 240 -12.09 -13.97 12.13
N PHE A 241 -11.94 -15.20 11.65
CA PHE A 241 -12.74 -15.69 10.53
C PHE A 241 -13.32 -17.05 10.86
N GLN A 242 -14.31 -17.46 10.06
CA GLN A 242 -14.98 -18.74 10.22
C GLN A 242 -15.14 -19.38 8.85
N LYS A 243 -15.20 -20.71 8.85
CA LYS A 243 -15.41 -21.47 7.62
C LYS A 243 -15.83 -22.88 8.01
N TRP A 244 -16.61 -23.52 7.14
CA TRP A 244 -17.02 -24.89 7.38
C TRP A 244 -17.24 -25.60 6.06
N ALA A 245 -16.91 -26.89 6.04
CA ALA A 245 -17.11 -27.75 4.87
C ALA A 245 -18.08 -28.86 5.23
N ALA A 246 -18.95 -29.20 4.30
CA ALA A 246 -19.97 -30.23 4.51
C ALA A 246 -19.79 -31.37 3.52
N VAL A 247 -20.58 -32.42 3.72
CA VAL A 247 -20.53 -33.61 2.88
C VAL A 247 -21.81 -34.39 3.10
N VAL A 248 -22.17 -35.25 2.15
CA VAL A 248 -23.50 -35.86 2.10
C VAL A 248 -23.36 -37.37 2.29
N VAL A 249 -22.43 -37.77 3.16
CA VAL A 249 -22.10 -39.19 3.33
C VAL A 249 -23.34 -39.98 3.71
N PRO A 250 -23.49 -41.23 3.27
CA PRO A 250 -24.65 -42.03 3.67
C PRO A 250 -24.56 -42.47 5.12
N SER A 251 -25.73 -42.81 5.67
CA SER A 251 -25.80 -43.24 7.06
C SER A 251 -25.04 -44.54 7.26
N GLY A 252 -24.48 -44.70 8.47
CA GLY A 252 -23.66 -45.85 8.78
C GLY A 252 -22.29 -45.83 8.16
N GLU A 253 -21.99 -44.83 7.33
CA GLU A 253 -20.69 -44.71 6.68
C GLU A 253 -19.90 -43.51 7.23
N GLU A 254 -20.27 -43.04 8.42
CA GLU A 254 -19.62 -41.85 8.98
C GLU A 254 -18.15 -42.08 9.20
N GLN A 255 -17.78 -43.24 9.75
CA GLN A 255 -16.41 -43.47 10.22
C GLN A 255 -15.50 -43.97 9.11
N ARG A 256 -15.50 -43.27 7.97
CA ARG A 256 -14.47 -43.47 6.97
C ARG A 256 -14.09 -42.16 6.29
N TYR A 257 -14.63 -41.03 6.76
CA TYR A 257 -14.38 -39.71 6.18
C TYR A 257 -13.59 -38.87 7.18
N THR A 258 -12.59 -38.15 6.67
CA THR A 258 -11.71 -37.36 7.52
C THR A 258 -11.64 -35.92 7.03
N CYS A 259 -11.42 -35.01 7.96
CA CYS A 259 -11.24 -33.59 7.68
C CYS A 259 -9.81 -33.18 7.99
N HIS A 260 -9.19 -32.47 7.05
CA HIS A 260 -7.84 -31.95 7.22
C HIS A 260 -7.86 -30.44 7.14
N VAL A 261 -7.20 -29.78 8.09
CA VAL A 261 -7.15 -28.34 8.19
C VAL A 261 -5.70 -27.91 8.11
N GLN A 262 -5.38 -27.05 7.16
CA GLN A 262 -4.02 -26.57 6.95
C GLN A 262 -3.99 -25.05 7.12
N HIS A 263 -3.83 -24.61 8.36
CA HIS A 263 -3.71 -23.19 8.67
C HIS A 263 -2.29 -22.91 9.14
N GLU A 264 -1.74 -21.76 8.74
CA GLU A 264 -0.39 -21.41 9.15
C GLU A 264 -0.26 -21.20 10.64
N GLY A 265 -1.37 -21.06 11.36
CA GLY A 265 -1.36 -21.00 12.80
C GLY A 265 -1.38 -22.33 13.49
N LEU A 266 -1.22 -23.43 12.74
CA LEU A 266 -1.24 -24.77 13.29
C LEU A 266 0.12 -25.43 13.12
N PRO A 267 0.61 -26.15 14.12
CA PRO A 267 1.89 -26.87 13.95
C PRO A 267 1.88 -27.84 12.79
N LYS A 268 0.77 -28.54 12.56
CA LYS A 268 0.67 -29.52 11.49
C LYS A 268 -0.80 -29.71 11.16
N PRO A 269 -1.11 -30.23 9.96
CA PRO A 269 -2.51 -30.41 9.60
C PRO A 269 -3.25 -31.33 10.57
N LEU A 270 -4.52 -31.01 10.80
CA LEU A 270 -5.37 -31.79 11.67
C LEU A 270 -6.03 -32.93 10.90
N THR A 271 -6.54 -33.90 11.64
CA THR A 271 -7.08 -35.13 11.05
C THR A 271 -8.43 -35.46 11.71
N LEU A 272 -9.32 -34.47 11.74
CA LEU A 272 -10.63 -34.66 12.36
C LEU A 272 -11.38 -35.84 11.75
N ARG A 273 -11.92 -36.69 12.63
CA ARG A 273 -12.79 -37.80 12.26
C ARG A 273 -14.06 -37.69 13.09
N TRP A 274 -15.06 -38.49 12.75
CA TRP A 274 -16.24 -38.53 13.58
C TRP A 274 -15.93 -39.21 14.91
N GLU A 275 -16.79 -38.95 15.90
CA GLU A 275 -16.61 -39.41 17.28
C GLU A 275 -15.31 -38.86 17.85
N ILE B 1 -20.46 -7.19 -14.54
CA ILE B 1 -21.81 -7.04 -15.08
C ILE B 1 -22.80 -6.97 -13.92
N GLN B 2 -23.53 -8.05 -13.62
CA GLN B 2 -24.46 -8.09 -12.50
C GLN B 2 -24.46 -9.52 -11.97
N ARG B 3 -23.93 -9.72 -10.77
CA ARG B 3 -23.93 -11.02 -10.11
C ARG B 3 -24.60 -10.93 -8.76
N THR B 4 -25.33 -11.99 -8.41
CA THR B 4 -26.18 -11.95 -7.22
C THR B 4 -25.34 -12.09 -5.95
N PRO B 5 -25.80 -11.50 -4.84
CA PRO B 5 -25.11 -11.69 -3.57
C PRO B 5 -25.26 -13.11 -3.04
N LYS B 6 -24.33 -13.50 -2.19
CA LYS B 6 -24.34 -14.80 -1.51
C LYS B 6 -24.45 -14.55 -0.01
N ILE B 7 -25.64 -14.75 0.52
CA ILE B 7 -25.93 -14.40 1.91
C ILE B 7 -25.47 -15.51 2.84
N GLN B 8 -25.01 -15.12 4.03
CA GLN B 8 -24.56 -16.07 5.05
C GLN B 8 -24.92 -15.50 6.41
N VAL B 9 -25.93 -16.08 7.05
CA VAL B 9 -26.36 -15.65 8.38
C VAL B 9 -25.76 -16.59 9.42
N TYR B 10 -25.15 -16.03 10.44
CA TYR B 10 -24.48 -16.82 11.45
C TYR B 10 -24.31 -15.97 12.71
N SER B 11 -23.47 -16.45 13.63
CA SER B 11 -23.16 -15.74 14.86
C SER B 11 -21.65 -15.68 15.03
N ARG B 12 -21.18 -14.62 15.68
CA ARG B 12 -19.75 -14.45 15.90
C ARG B 12 -19.19 -15.59 16.73
N HIS B 13 -19.88 -15.94 17.80
CA HIS B 13 -19.55 -17.08 18.65
C HIS B 13 -20.58 -18.18 18.50
N PRO B 14 -20.26 -19.42 18.84
CA PRO B 14 -21.25 -20.49 18.77
C PRO B 14 -22.49 -20.14 19.58
N ALA B 15 -23.65 -20.47 19.02
CA ALA B 15 -24.92 -20.02 19.58
C ALA B 15 -25.18 -20.72 20.90
N GLU B 16 -25.24 -19.95 21.98
CA GLU B 16 -25.61 -20.44 23.30
C GLU B 16 -26.71 -19.56 23.85
N ASN B 17 -27.86 -20.15 24.15
CA ASN B 17 -28.99 -19.36 24.62
C ASN B 17 -28.65 -18.65 25.92
N GLY B 18 -28.99 -17.36 25.98
CA GLY B 18 -28.74 -16.55 27.15
C GLY B 18 -27.41 -15.81 27.14
N LYS B 19 -26.48 -16.19 26.26
CA LYS B 19 -25.19 -15.54 26.17
C LYS B 19 -25.16 -14.63 24.95
N SER B 20 -24.71 -13.39 25.15
CA SER B 20 -24.76 -12.39 24.09
C SER B 20 -23.80 -12.76 22.96
N ASN B 21 -24.34 -12.83 21.75
CA ASN B 21 -23.54 -13.00 20.54
C ASN B 21 -23.84 -11.85 19.59
N PHE B 22 -23.25 -11.91 18.40
CA PHE B 22 -23.51 -10.96 17.34
C PHE B 22 -24.07 -11.70 16.13
N LEU B 23 -25.22 -11.28 15.65
CA LEU B 23 -25.78 -11.85 14.43
C LEU B 23 -25.14 -11.19 13.23
N ASN B 24 -24.62 -12.01 12.32
CA ASN B 24 -23.96 -11.51 11.13
C ASN B 24 -24.77 -11.90 9.89
N CYS B 25 -24.71 -11.04 8.87
CA CYS B 25 -25.29 -11.34 7.57
C CYS B 25 -24.24 -10.95 6.53
N TYR B 26 -23.35 -11.89 6.22
CA TYR B 26 -22.21 -11.63 5.34
C TYR B 26 -22.65 -11.83 3.90
N VAL B 27 -23.01 -10.74 3.23
CA VAL B 27 -23.34 -10.76 1.82
C VAL B 27 -22.08 -10.45 1.02
N SER B 28 -21.81 -11.27 0.01
CA SER B 28 -20.58 -11.15 -0.75
C SER B 28 -20.83 -11.50 -2.20
N GLY B 29 -19.84 -11.18 -3.04
CA GLY B 29 -19.89 -11.56 -4.44
C GLY B 29 -21.03 -10.96 -5.23
N PHE B 30 -21.32 -9.68 -5.02
CA PHE B 30 -22.39 -9.00 -5.74
C PHE B 30 -21.85 -7.78 -6.46
N HIS B 31 -22.61 -7.35 -7.46
CA HIS B 31 -22.28 -6.17 -8.27
C HIS B 31 -23.53 -5.73 -9.01
N PRO B 32 -23.86 -4.42 -9.01
CA PRO B 32 -23.16 -3.30 -8.40
C PRO B 32 -23.28 -3.22 -6.88
N SER B 33 -22.73 -2.16 -6.30
CA SER B 33 -22.58 -2.05 -4.85
C SER B 33 -23.86 -1.69 -4.13
N ASP B 34 -24.95 -1.41 -4.84
CA ASP B 34 -26.20 -0.97 -4.21
C ASP B 34 -26.93 -2.19 -3.67
N ILE B 35 -26.85 -2.40 -2.36
CA ILE B 35 -27.55 -3.48 -1.70
C ILE B 35 -28.25 -2.92 -0.47
N GLU B 36 -29.33 -3.59 -0.06
CA GLU B 36 -30.10 -3.21 1.11
C GLU B 36 -30.26 -4.43 1.99
N VAL B 37 -29.58 -4.43 3.13
CA VAL B 37 -29.55 -5.57 4.03
C VAL B 37 -30.25 -5.21 5.32
N ASP B 38 -31.24 -6.02 5.69
CA ASP B 38 -31.99 -5.84 6.93
C ASP B 38 -31.85 -7.11 7.76
N LEU B 39 -31.63 -6.95 9.05
CA LEU B 39 -31.59 -8.07 9.98
C LEU B 39 -32.95 -8.17 10.68
N LEU B 40 -33.61 -9.30 10.53
CA LEU B 40 -34.98 -9.48 10.97
C LEU B 40 -35.03 -10.33 12.23
N LYS B 41 -35.79 -9.87 13.22
CA LYS B 41 -36.06 -10.61 14.44
C LYS B 41 -37.51 -11.07 14.40
N ASN B 42 -37.71 -12.35 14.13
CA ASN B 42 -39.04 -12.94 14.02
C ASN B 42 -39.90 -12.15 13.02
N GLY B 43 -39.32 -11.87 11.87
CA GLY B 43 -40.03 -11.16 10.83
C GLY B 43 -40.13 -9.66 11.03
N GLU B 44 -39.47 -9.13 12.05
CA GLU B 44 -39.49 -7.71 12.35
C GLU B 44 -38.08 -7.14 12.22
N ARG B 45 -37.96 -6.01 11.53
CA ARG B 45 -36.65 -5.42 11.28
C ARG B 45 -36.03 -4.89 12.56
N ILE B 46 -34.70 -4.96 12.62
CA ILE B 46 -33.92 -4.40 13.73
C ILE B 46 -33.29 -3.11 13.24
N GLU B 47 -33.39 -2.05 14.06
CA GLU B 47 -32.96 -0.73 13.63
C GLU B 47 -31.50 -0.45 13.94
N LYS B 48 -30.97 -0.95 15.06
CA LYS B 48 -29.59 -0.69 15.45
C LYS B 48 -28.73 -1.83 14.94
N VAL B 49 -28.47 -1.80 13.64
CA VAL B 49 -27.56 -2.74 12.99
C VAL B 49 -26.45 -1.93 12.32
N GLU B 50 -25.21 -2.26 12.64
CA GLU B 50 -24.07 -1.65 11.98
C GLU B 50 -23.61 -2.53 10.84
N HIS B 51 -22.80 -1.96 9.95
CA HIS B 51 -22.29 -2.68 8.81
C HIS B 51 -20.82 -2.34 8.62
N SER B 52 -20.11 -3.23 7.94
CA SER B 52 -18.71 -3.03 7.66
C SER B 52 -18.55 -2.05 6.50
N ASP B 53 -17.35 -1.94 5.96
CA ASP B 53 -17.03 -0.99 4.92
C ASP B 53 -16.99 -1.69 3.58
N LEU B 54 -17.44 -0.99 2.53
CA LEU B 54 -17.62 -1.59 1.22
C LEU B 54 -16.26 -1.85 0.59
N SER B 55 -15.80 -3.09 0.69
CA SER B 55 -14.61 -3.57 -0.01
C SER B 55 -15.05 -4.53 -1.11
N PHE B 56 -14.07 -5.03 -1.87
CA PHE B 56 -14.36 -5.96 -2.94
C PHE B 56 -13.27 -7.02 -3.02
N SER B 57 -13.61 -8.16 -3.61
CA SER B 57 -12.74 -9.30 -3.66
C SER B 57 -11.78 -9.17 -4.83
N LYS B 58 -11.07 -10.26 -5.16
CA LYS B 58 -10.10 -10.22 -6.23
C LYS B 58 -10.75 -10.01 -7.58
N ASP B 59 -12.01 -10.41 -7.74
CA ASP B 59 -12.72 -10.29 -9.01
C ASP B 59 -13.68 -9.12 -9.03
N TRP B 60 -13.45 -8.11 -8.19
CA TRP B 60 -14.19 -6.84 -8.19
C TRP B 60 -15.62 -7.00 -7.73
N SER B 61 -15.93 -8.04 -6.98
CA SER B 61 -17.27 -8.25 -6.44
C SER B 61 -17.27 -7.89 -4.97
N PHE B 62 -18.24 -7.06 -4.57
CA PHE B 62 -18.21 -6.44 -3.25
C PHE B 62 -18.55 -7.46 -2.16
N TYR B 63 -18.41 -7.02 -0.92
CA TYR B 63 -18.87 -7.80 0.22
C TYR B 63 -19.03 -6.89 1.43
N LEU B 64 -20.08 -7.14 2.20
CA LEU B 64 -20.40 -6.36 3.39
C LEU B 64 -20.72 -7.31 4.53
N LEU B 65 -20.51 -6.82 5.76
CA LEU B 65 -20.84 -7.57 6.96
C LEU B 65 -21.77 -6.72 7.81
N TYR B 66 -23.04 -7.10 7.87
CA TYR B 66 -24.02 -6.44 8.71
C TYR B 66 -24.14 -7.22 10.01
N TYR B 67 -23.83 -6.58 11.13
CA TYR B 67 -23.83 -7.24 12.43
C TYR B 67 -24.68 -6.46 13.43
N THR B 68 -25.37 -7.19 14.30
CA THR B 68 -26.10 -6.63 15.42
C THR B 68 -25.87 -7.50 16.64
N GLU B 69 -26.08 -6.91 17.82
CA GLU B 69 -25.92 -7.63 19.07
C GLU B 69 -27.26 -8.24 19.47
N PHE B 70 -27.27 -9.56 19.68
CA PHE B 70 -28.50 -10.25 20.05
C PHE B 70 -28.17 -11.31 21.08
N THR B 71 -29.21 -11.76 21.78
CA THR B 71 -29.10 -12.87 22.72
C THR B 71 -29.99 -14.00 22.23
N PRO B 72 -29.44 -15.13 21.79
CA PRO B 72 -30.28 -16.19 21.23
C PRO B 72 -31.14 -16.87 22.29
N THR B 73 -32.26 -17.40 21.84
CA THR B 73 -33.16 -18.16 22.68
C THR B 73 -33.97 -19.10 21.80
N GLU B 74 -34.60 -20.08 22.44
CA GLU B 74 -35.39 -21.06 21.69
C GLU B 74 -36.56 -20.40 20.98
N LYS B 75 -37.22 -19.45 21.64
CA LYS B 75 -38.40 -18.83 21.07
C LYS B 75 -38.06 -18.01 19.82
N ASP B 76 -37.07 -17.14 19.93
CA ASP B 76 -36.79 -16.18 18.86
C ASP B 76 -36.15 -16.85 17.65
N GLU B 77 -36.45 -16.32 16.47
CA GLU B 77 -35.85 -16.76 15.22
C GLU B 77 -35.37 -15.53 14.47
N TYR B 78 -34.16 -15.62 13.90
CA TYR B 78 -33.52 -14.51 13.23
C TYR B 78 -33.27 -14.85 11.77
N ALA B 79 -33.18 -13.82 10.94
CA ALA B 79 -32.95 -14.00 9.52
C ALA B 79 -32.23 -12.77 8.97
N CYS B 80 -32.15 -12.69 7.65
CA CYS B 80 -31.56 -11.54 6.98
C CYS B 80 -32.31 -11.29 5.68
N ARG B 81 -32.67 -10.03 5.43
CA ARG B 81 -33.42 -9.66 4.25
C ARG B 81 -32.49 -8.88 3.31
N VAL B 82 -32.35 -9.36 2.08
CA VAL B 82 -31.41 -8.80 1.13
C VAL B 82 -32.16 -8.48 -0.16
N ASN B 83 -32.11 -7.23 -0.59
CA ASN B 83 -32.64 -6.81 -1.87
C ASN B 83 -31.51 -6.24 -2.71
N HIS B 84 -31.33 -6.79 -3.90
CA HIS B 84 -30.27 -6.35 -4.80
C HIS B 84 -30.87 -6.11 -6.17
N VAL B 85 -30.11 -5.39 -7.01
CA VAL B 85 -30.56 -5.05 -8.35
C VAL B 85 -30.87 -6.30 -9.16
N THR B 86 -30.10 -7.36 -8.94
CA THR B 86 -30.28 -8.60 -9.69
C THR B 86 -31.41 -9.46 -9.14
N LEU B 87 -31.78 -9.30 -7.87
CA LEU B 87 -32.81 -10.11 -7.25
C LEU B 87 -34.17 -9.47 -7.49
N SER B 88 -35.10 -10.25 -8.06
CA SER B 88 -36.43 -9.73 -8.35
C SER B 88 -37.18 -9.38 -7.07
N GLN B 89 -37.11 -10.24 -6.07
CA GLN B 89 -37.76 -10.00 -4.79
C GLN B 89 -36.75 -10.20 -3.66
N PRO B 90 -36.96 -9.56 -2.52
CA PRO B 90 -36.01 -9.72 -1.41
C PRO B 90 -35.86 -11.17 -1.00
N LYS B 91 -34.63 -11.55 -0.66
CA LYS B 91 -34.30 -12.92 -0.27
C LYS B 91 -34.21 -13.01 1.25
N ILE B 92 -34.94 -13.94 1.84
CA ILE B 92 -34.95 -14.16 3.28
C ILE B 92 -34.14 -15.41 3.57
N VAL B 93 -33.06 -15.26 4.32
CA VAL B 93 -32.22 -16.38 4.74
C VAL B 93 -32.36 -16.55 6.24
N LYS B 94 -32.98 -17.65 6.65
CA LYS B 94 -33.17 -17.93 8.07
C LYS B 94 -31.84 -18.27 8.71
N TRP B 95 -31.70 -17.90 9.98
CA TRP B 95 -30.48 -18.17 10.74
C TRP B 95 -30.55 -19.59 11.28
N ASP B 96 -29.99 -20.53 10.53
CA ASP B 96 -29.88 -21.90 11.01
C ASP B 96 -28.85 -21.97 12.12
N ARG B 97 -29.20 -22.60 13.24
CA ARG B 97 -28.26 -22.76 14.34
C ARG B 97 -27.08 -23.65 13.97
N ASP B 98 -27.17 -24.38 12.86
CA ASP B 98 -26.09 -25.24 12.39
C ASP B 98 -25.48 -24.77 11.08
N MET B 99 -26.09 -23.79 10.42
CA MET B 99 -25.58 -23.23 9.17
C MET B 99 -25.38 -24.28 8.08
N VAL C 1 0.00 4.27 3.51
CA VAL C 1 -0.59 5.54 3.08
C VAL C 1 -1.09 5.44 1.66
N VAL C 2 -2.20 6.15 1.38
CA VAL C 2 -2.76 6.16 0.04
C VAL C 2 -1.78 6.81 -0.93
N VAL C 3 -1.92 6.45 -2.21
CA VAL C 3 -1.04 7.00 -3.23
C VAL C 3 -1.23 8.51 -3.28
N GLY C 4 -0.14 9.23 -3.56
CA GLY C 4 -0.16 10.67 -3.53
C GLY C 4 -0.95 11.28 -4.67
N ALA C 5 -0.58 12.52 -5.00
CA ALA C 5 -1.30 13.29 -6.02
C ALA C 5 -0.60 13.30 -7.36
N CYS C 6 0.05 12.20 -7.74
CA CYS C 6 0.70 12.11 -9.07
C CYS C 6 -0.12 11.16 -9.92
N GLY C 7 -0.31 11.50 -11.17
CA GLY C 7 -1.13 10.68 -12.06
C GLY C 7 -1.61 11.50 -13.22
N VAL C 8 -2.52 10.92 -13.99
CA VAL C 8 -3.08 11.67 -15.15
C VAL C 8 -4.60 11.62 -15.11
N GLY C 9 -5.16 10.42 -15.07
CA GLY C 9 -6.62 10.30 -15.22
C GLY C 9 -6.95 9.42 -16.40
N LYS C 10 -7.82 8.45 -16.20
CA LYS C 10 -8.16 7.47 -17.26
C LYS C 10 -8.77 8.18 -18.45
N GLN D 3 20.54 6.33 12.05
CA GLN D 3 21.99 6.21 11.94
C GLN D 3 22.38 5.34 10.74
N MET D 4 23.55 5.61 10.17
CA MET D 4 24.06 4.84 9.05
C MET D 4 25.55 5.11 8.86
N THR D 5 26.36 4.06 8.84
CA THR D 5 27.81 4.20 8.75
C THR D 5 28.29 3.61 7.43
N GLN D 6 29.02 4.41 6.67
CA GLN D 6 29.65 3.96 5.42
C GLN D 6 31.10 3.60 5.72
N SER D 7 31.50 2.39 5.35
CA SER D 7 32.82 1.88 5.66
C SER D 7 33.49 1.34 4.41
N PRO D 8 34.80 1.55 4.25
CA PRO D 8 35.65 2.34 5.13
C PRO D 8 35.65 3.82 4.73
N SER D 9 36.20 4.68 5.59
CA SER D 9 36.29 6.09 5.26
C SER D 9 37.32 6.38 4.18
N SER D 10 38.18 5.43 3.84
CA SER D 10 39.18 5.60 2.79
C SER D 10 39.76 4.24 2.45
N LEU D 11 39.97 3.99 1.16
CA LEU D 11 40.62 2.77 0.71
C LEU D 11 41.41 3.07 -0.55
N SER D 12 42.63 2.55 -0.61
CA SER D 12 43.55 2.82 -1.72
C SER D 12 43.80 1.55 -2.50
N ALA D 13 43.64 1.62 -3.81
CA ALA D 13 43.84 0.47 -4.69
C ALA D 13 44.30 0.93 -6.05
N SER D 14 44.97 0.04 -6.77
CA SER D 14 45.52 0.34 -8.07
C SER D 14 44.48 0.10 -9.16
N VAL D 15 44.87 0.45 -10.39
CA VAL D 15 43.97 0.30 -11.53
C VAL D 15 43.82 -1.18 -11.87
N GLY D 16 42.57 -1.61 -12.06
CA GLY D 16 42.25 -2.99 -12.36
C GLY D 16 41.76 -3.77 -11.17
N ASP D 17 41.94 -3.27 -9.96
CA ASP D 17 41.51 -3.97 -8.77
C ASP D 17 39.99 -3.95 -8.66
N ARG D 18 39.47 -4.75 -7.73
CA ARG D 18 38.04 -4.81 -7.46
C ARG D 18 37.83 -4.26 -6.05
N VAL D 19 37.18 -3.11 -5.95
CA VAL D 19 36.98 -2.42 -4.68
C VAL D 19 35.51 -2.50 -4.30
N THR D 20 35.24 -2.68 -3.01
CA THR D 20 33.87 -2.77 -2.50
C THR D 20 33.66 -1.77 -1.38
N ILE D 21 32.74 -0.82 -1.56
CA ILE D 21 32.34 0.14 -0.54
C ILE D 21 31.03 -0.33 0.05
N THR D 22 31.00 -0.59 1.35
CA THR D 22 29.80 -1.07 2.00
C THR D 22 29.06 0.08 2.66
N CYS D 23 27.76 -0.13 2.87
CA CYS D 23 26.89 0.89 3.42
C CYS D 23 25.86 0.19 4.30
N ARG D 24 25.81 0.56 5.58
CA ARG D 24 24.95 -0.10 6.55
C ARG D 24 23.68 0.73 6.70
N ALA D 25 22.73 0.51 5.79
CA ALA D 25 21.43 1.16 5.84
C ALA D 25 20.47 0.26 6.63
N SER D 26 20.50 0.45 7.95
CA SER D 26 19.80 -0.44 8.87
C SER D 26 18.29 -0.46 8.64
N GLN D 27 17.67 0.72 8.58
CA GLN D 27 16.22 0.85 8.52
C GLN D 27 15.75 1.41 7.18
N SER D 28 16.45 1.12 6.10
CA SER D 28 16.13 1.67 4.79
C SER D 28 15.61 0.59 3.86
N VAL D 29 14.66 0.96 3.02
CA VAL D 29 14.17 0.10 1.95
C VAL D 29 15.25 0.00 0.88
N SER D 30 15.29 -1.12 0.17
CA SER D 30 16.23 -1.26 -0.94
C SER D 30 15.91 -0.31 -2.08
N SER D 31 14.68 0.19 -2.13
CA SER D 31 14.29 1.10 -3.21
C SER D 31 15.04 2.42 -3.16
N ALA D 32 15.27 2.96 -1.97
CA ALA D 32 15.73 4.33 -1.81
C ALA D 32 17.24 4.44 -1.68
N VAL D 33 17.98 3.34 -1.80
CA VAL D 33 19.42 3.35 -1.62
C VAL D 33 20.07 3.60 -2.98
N ALA D 34 20.79 4.70 -3.10
CA ALA D 34 21.48 5.08 -4.31
C ALA D 34 22.93 5.39 -3.99
N TRP D 35 23.77 5.34 -5.02
CA TRP D 35 25.20 5.53 -4.87
C TRP D 35 25.67 6.67 -5.77
N TYR D 36 26.47 7.57 -5.22
CA TYR D 36 26.96 8.74 -5.94
C TYR D 36 28.48 8.74 -5.95
N GLN D 37 29.03 9.48 -6.91
CA GLN D 37 30.48 9.59 -7.08
C GLN D 37 30.83 11.06 -7.26
N GLN D 38 31.46 11.65 -6.26
CA GLN D 38 31.84 13.06 -6.31
C GLN D 38 33.34 13.17 -6.50
N LYS D 39 33.75 13.59 -7.69
CA LYS D 39 35.13 14.00 -7.88
C LYS D 39 35.33 15.34 -7.16
N PRO D 40 36.55 15.61 -6.69
CA PRO D 40 36.75 16.78 -5.82
C PRO D 40 36.30 18.08 -6.46
N GLY D 41 35.50 18.83 -5.72
CA GLY D 41 35.01 20.12 -6.16
C GLY D 41 34.07 20.09 -7.36
N LYS D 42 33.25 19.04 -7.46
CA LYS D 42 32.30 18.92 -8.55
C LYS D 42 30.99 18.36 -8.01
N ALA D 43 29.92 18.62 -8.74
CA ALA D 43 28.62 18.09 -8.36
C ALA D 43 28.64 16.56 -8.41
N PRO D 44 28.02 15.89 -7.46
CA PRO D 44 28.03 14.43 -7.45
C PRO D 44 27.37 13.85 -8.70
N LYS D 45 27.53 12.55 -8.87
CA LYS D 45 27.07 11.86 -10.06
C LYS D 45 26.42 10.55 -9.65
N LEU D 46 25.14 10.39 -10.01
CA LEU D 46 24.43 9.17 -9.68
C LEU D 46 25.01 7.97 -10.42
N LEU D 47 25.22 6.87 -9.71
CA LEU D 47 25.72 5.64 -10.30
C LEU D 47 24.71 4.51 -10.20
N ILE D 48 24.21 4.23 -9.00
CA ILE D 48 23.29 3.14 -8.74
C ILE D 48 22.03 3.73 -8.11
N TYR D 49 20.88 3.19 -8.47
CA TYR D 49 19.64 3.48 -7.77
C TYR D 49 18.91 2.17 -7.52
N SER D 50 18.03 2.18 -6.52
CA SER D 50 17.36 0.97 -6.04
C SER D 50 18.36 -0.08 -5.59
N ALA D 51 19.57 0.35 -5.26
CA ALA D 51 20.62 -0.45 -4.63
C ALA D 51 21.27 -1.46 -5.58
N SER D 52 20.71 -1.65 -6.77
CA SER D 52 21.34 -2.54 -7.73
C SER D 52 21.32 -2.06 -9.17
N SER D 53 20.51 -1.06 -9.52
CA SER D 53 20.26 -0.72 -10.91
C SER D 53 21.20 0.37 -11.35
N LEU D 54 21.97 0.11 -12.40
CA LEU D 54 22.89 1.10 -12.95
C LEU D 54 22.12 2.27 -13.55
N TYR D 55 22.51 3.48 -13.18
CA TYR D 55 21.95 4.66 -13.83
C TYR D 55 22.41 4.72 -15.28
N SER D 56 21.52 5.19 -16.15
CA SER D 56 21.81 5.21 -17.58
C SER D 56 23.06 6.03 -17.87
N GLY D 57 23.99 5.45 -18.63
CA GLY D 57 25.23 6.09 -18.99
C GLY D 57 26.41 5.70 -18.12
N VAL D 58 26.16 5.16 -16.93
CA VAL D 58 27.26 4.77 -16.04
C VAL D 58 27.96 3.55 -16.61
N PRO D 59 29.29 3.52 -16.65
CA PRO D 59 29.99 2.33 -17.16
C PRO D 59 29.65 1.08 -16.37
N SER D 60 29.61 -0.04 -17.07
CA SER D 60 29.10 -1.29 -16.52
C SER D 60 30.02 -1.93 -15.49
N ARG D 61 31.11 -1.28 -15.10
CA ARG D 61 31.96 -1.83 -14.04
C ARG D 61 31.43 -1.53 -12.66
N PHE D 62 30.45 -0.63 -12.54
CA PHE D 62 29.81 -0.36 -11.26
C PHE D 62 28.61 -1.28 -11.08
N SER D 63 28.41 -1.75 -9.86
CA SER D 63 27.26 -2.59 -9.55
C SER D 63 27.08 -2.64 -8.05
N GLY D 64 25.81 -2.62 -7.63
CA GLY D 64 25.46 -2.69 -6.22
C GLY D 64 24.83 -4.02 -5.89
N SER D 65 24.58 -4.22 -4.59
CA SER D 65 23.98 -5.45 -4.10
C SER D 65 23.45 -5.19 -2.70
N ARG D 66 23.02 -6.26 -2.03
CA ARG D 66 22.54 -6.16 -0.65
C ARG D 66 22.64 -7.53 -0.01
N SER D 67 23.39 -7.64 1.08
CA SER D 67 23.49 -8.87 1.85
C SER D 67 22.90 -8.59 3.23
N GLY D 68 21.59 -8.75 3.34
CA GLY D 68 20.92 -8.47 4.60
C GLY D 68 20.65 -7.00 4.72
N THR D 69 20.95 -6.44 5.90
CA THR D 69 20.81 -5.01 6.14
C THR D 69 22.11 -4.27 5.86
N ASP D 70 22.66 -4.48 4.67
CA ASP D 70 24.01 -4.00 4.37
C ASP D 70 24.16 -3.91 2.86
N PHE D 71 24.42 -2.71 2.35
CA PHE D 71 24.47 -2.46 0.92
C PHE D 71 25.92 -2.26 0.49
N THR D 72 26.24 -2.77 -0.70
CA THR D 72 27.62 -2.79 -1.19
C THR D 72 27.68 -2.22 -2.59
N LEU D 73 28.71 -1.42 -2.86
CA LEU D 73 29.03 -0.97 -4.20
C LEU D 73 30.34 -1.61 -4.62
N THR D 74 30.34 -2.27 -5.77
CA THR D 74 31.50 -3.00 -6.27
C THR D 74 31.90 -2.45 -7.62
N ILE D 75 33.19 -2.15 -7.78
CA ILE D 75 33.75 -1.76 -9.06
C ILE D 75 34.56 -2.94 -9.57
N SER D 76 34.04 -3.61 -10.60
CA SER D 76 34.60 -4.89 -11.03
C SER D 76 36.05 -4.74 -11.49
N SER D 77 36.34 -3.71 -12.29
CA SER D 77 37.68 -3.50 -12.83
C SER D 77 37.98 -2.00 -12.77
N LEU D 78 38.72 -1.59 -11.75
CA LEU D 78 38.98 -0.17 -11.53
C LEU D 78 39.77 0.42 -12.70
N GLN D 79 39.46 1.67 -13.01
CA GLN D 79 40.05 2.40 -14.12
C GLN D 79 40.58 3.74 -13.60
N PRO D 80 41.52 4.37 -14.32
CA PRO D 80 42.09 5.62 -13.82
C PRO D 80 41.17 6.81 -14.05
N GLU D 81 39.89 6.62 -13.75
CA GLU D 81 38.92 7.70 -13.69
C GLU D 81 37.94 7.51 -12.55
N ASP D 82 38.08 6.41 -11.79
CA ASP D 82 37.14 5.98 -10.71
C ASP D 82 37.76 6.26 -9.34
N PHE D 83 38.60 7.27 -9.23
CA PHE D 83 39.18 7.64 -7.95
C PHE D 83 38.48 8.92 -7.49
N ALA D 84 37.47 8.76 -6.65
CA ALA D 84 36.68 9.87 -6.15
C ALA D 84 36.12 9.49 -4.79
N THR D 85 35.16 10.26 -4.30
CA THR D 85 34.49 9.99 -3.05
C THR D 85 33.10 9.46 -3.35
N TYR D 86 32.72 8.35 -2.70
CA TYR D 86 31.48 7.65 -3.00
C TYR D 86 30.55 7.73 -1.80
N TYR D 87 29.32 8.20 -2.04
CA TYR D 87 28.31 8.34 -1.00
C TYR D 87 27.13 7.44 -1.30
N CYS D 88 26.59 6.81 -0.26
CA CYS D 88 25.36 6.05 -0.34
C CYS D 88 24.26 6.84 0.35
N GLN D 89 23.10 6.96 -0.31
CA GLN D 89 21.99 7.63 0.34
C GLN D 89 21.00 6.60 0.86
N GLN D 90 20.12 7.07 1.74
CA GLN D 90 18.99 6.29 2.19
C GLN D 90 17.87 7.26 2.54
N ALA D 91 16.68 6.96 2.07
CA ALA D 91 15.52 7.82 2.31
C ALA D 91 14.52 7.09 3.18
N SER D 92 13.99 7.80 4.17
CA SER D 92 12.96 7.28 5.05
C SER D 92 11.67 7.99 4.68
N TYR D 93 10.78 7.28 3.98
CA TYR D 93 9.52 7.89 3.58
C TYR D 93 8.65 8.22 4.78
N VAL D 94 8.82 7.48 5.88
CA VAL D 94 8.08 7.79 7.11
C VAL D 94 8.50 9.13 7.67
N ARG D 95 9.81 9.34 7.81
CA ARG D 95 10.35 10.57 8.38
C ARG D 95 10.61 11.65 7.35
N LYS D 96 10.57 11.31 6.06
CA LYS D 96 10.83 12.25 4.97
C LYS D 96 12.21 12.90 5.12
N THR D 97 13.24 12.05 5.14
CA THR D 97 14.62 12.51 5.21
C THR D 97 15.49 11.64 4.32
N ILE D 98 16.30 12.28 3.48
CA ILE D 98 17.38 11.61 2.76
C ILE D 98 18.65 11.74 3.60
N THR D 99 19.35 10.62 3.80
CA THR D 99 20.57 10.59 4.59
C THR D 99 21.72 10.17 3.71
N PHE D 100 22.75 11.02 3.64
CA PHE D 100 23.94 10.73 2.83
C PHE D 100 25.02 10.14 3.72
N GLY D 101 25.63 9.06 3.27
CA GLY D 101 26.71 8.45 4.01
C GLY D 101 27.91 9.37 4.12
N GLN D 102 28.85 8.98 4.99
CA GLN D 102 30.01 9.80 5.25
C GLN D 102 30.87 9.98 4.00
N GLY D 103 31.02 8.94 3.20
CA GLY D 103 31.80 9.04 1.98
C GLY D 103 33.08 8.23 2.08
N THR D 104 33.36 7.45 1.05
CA THR D 104 34.55 6.61 0.98
C THR D 104 35.44 7.15 -0.13
N LYS D 105 36.62 7.64 0.23
CA LYS D 105 37.54 8.22 -0.73
C LYS D 105 38.44 7.11 -1.28
N VAL D 106 38.21 6.74 -2.52
CA VAL D 106 39.03 5.75 -3.20
C VAL D 106 40.28 6.44 -3.75
N GLU D 107 41.44 5.94 -3.35
CA GLU D 107 42.71 6.54 -3.71
C GLU D 107 43.52 5.57 -4.57
N ILE D 108 44.74 5.96 -4.89
CA ILE D 108 45.57 5.19 -5.81
C ILE D 108 46.43 4.18 -5.05
N GLU E 4 20.08 17.39 -21.21
CA GLU E 4 19.22 18.51 -21.59
C GLU E 4 18.77 19.28 -20.36
N VAL E 5 18.56 18.55 -19.26
CA VAL E 5 18.09 19.15 -18.02
C VAL E 5 19.23 19.95 -17.40
N GLN E 6 18.96 21.21 -17.07
CA GLN E 6 19.96 22.09 -16.49
C GLN E 6 19.41 22.70 -15.20
N LEU E 7 20.14 22.54 -14.11
CA LEU E 7 19.78 23.12 -12.82
C LEU E 7 20.84 24.17 -12.48
N VAL E 8 20.42 25.43 -12.43
CA VAL E 8 21.33 26.55 -12.17
C VAL E 8 20.92 27.21 -10.87
N GLU E 9 21.84 27.25 -9.91
CA GLU E 9 21.58 27.84 -8.61
C GLU E 9 22.42 29.09 -8.41
N SER E 10 21.85 30.08 -7.74
CA SER E 10 22.49 31.37 -7.56
C SER E 10 21.94 32.05 -6.31
N GLY E 11 22.63 33.10 -5.88
CA GLY E 11 22.15 33.94 -4.80
C GLY E 11 22.77 33.71 -3.44
N GLY E 12 23.91 33.05 -3.36
CA GLY E 12 24.59 32.81 -2.09
C GLY E 12 25.91 33.56 -2.04
N GLY E 13 26.25 34.07 -0.86
CA GLY E 13 27.48 34.80 -0.67
C GLY E 13 27.81 35.05 0.78
N LEU E 14 28.50 36.16 1.04
CA LEU E 14 28.92 36.50 2.41
C LEU E 14 27.73 37.03 3.19
N VAL E 15 27.46 36.41 4.35
CA VAL E 15 26.38 36.84 5.23
C VAL E 15 26.81 36.69 6.68
N GLN E 16 26.30 37.57 7.52
CA GLN E 16 26.58 37.55 8.94
C GLN E 16 25.69 36.52 9.64
N PRO E 17 26.14 35.97 10.77
CA PRO E 17 25.29 35.03 11.52
C PRO E 17 23.99 35.70 11.95
N GLY E 18 22.92 34.91 11.94
CA GLY E 18 21.60 35.47 12.18
C GLY E 18 21.16 36.42 11.09
N GLY E 19 21.46 36.09 9.83
CA GLY E 19 21.09 36.93 8.71
C GLY E 19 20.01 36.33 7.85
N SER E 20 20.13 36.48 6.54
CA SER E 20 19.14 35.93 5.62
C SER E 20 19.72 35.80 4.23
N LEU E 21 19.44 34.67 3.59
CA LEU E 21 19.78 34.42 2.20
C LEU E 21 18.59 33.78 1.50
N ARG E 22 18.54 33.91 0.20
CA ARG E 22 17.51 33.24 -0.59
C ARG E 22 18.21 32.66 -1.79
N LEU E 23 18.52 31.39 -1.71
CA LEU E 23 19.15 30.65 -2.78
C LEU E 23 18.10 30.21 -3.79
N SER E 24 18.33 30.53 -5.06
CA SER E 24 17.36 30.22 -6.12
C SER E 24 17.94 29.19 -7.06
N CYS E 25 17.23 28.09 -7.26
CA CYS E 25 17.57 27.05 -8.21
C CYS E 25 16.65 27.19 -9.42
N ALA E 26 17.20 27.68 -10.52
CA ALA E 26 16.43 27.90 -11.75
C ALA E 26 16.48 26.65 -12.60
N ALA E 27 15.52 25.76 -12.43
CA ALA E 27 15.44 24.56 -13.24
C ALA E 27 15.00 24.90 -14.65
N SER E 28 15.45 24.11 -15.62
CA SER E 28 15.08 24.31 -17.02
C SER E 28 15.40 23.06 -17.80
N GLY E 29 14.40 22.49 -18.45
CA GLY E 29 14.62 21.31 -19.27
C GLY E 29 13.63 20.20 -19.00
N PHE E 30 12.76 20.38 -18.01
CA PHE E 30 11.79 19.36 -17.65
C PHE E 30 10.55 20.04 -17.11
N THR E 31 9.46 19.27 -17.07
CA THR E 31 8.22 19.74 -16.45
C THR E 31 8.45 19.85 -14.95
N PHE E 32 8.54 21.09 -14.46
CA PHE E 32 8.93 21.31 -13.08
C PHE E 32 7.96 20.67 -12.09
N SER E 33 6.69 20.50 -12.48
CA SER E 33 5.69 19.99 -11.57
C SER E 33 5.79 18.49 -11.31
N ASP E 34 6.60 17.76 -12.08
CA ASP E 34 6.66 16.31 -11.96
C ASP E 34 7.83 15.80 -11.14
N TYR E 35 8.79 16.66 -10.78
CA TYR E 35 9.98 16.23 -10.08
C TYR E 35 10.17 17.05 -8.81
N SER E 36 10.78 16.43 -7.81
CA SER E 36 11.16 17.13 -6.60
C SER E 36 12.37 18.01 -6.86
N ILE E 37 12.71 18.84 -5.88
CA ILE E 37 13.91 19.65 -5.93
C ILE E 37 14.53 19.65 -4.53
N HIS E 38 15.70 19.03 -4.40
CA HIS E 38 16.37 18.90 -3.11
C HIS E 38 17.56 19.83 -3.05
N TRP E 39 17.83 20.34 -1.85
CA TRP E 39 18.99 21.17 -1.59
C TRP E 39 19.97 20.39 -0.73
N VAL E 40 21.18 20.19 -1.25
CA VAL E 40 22.22 19.44 -0.57
C VAL E 40 23.44 20.34 -0.43
N ARG E 41 24.05 20.34 0.76
CA ARG E 41 25.18 21.20 1.03
C ARG E 41 26.43 20.37 1.31
N GLN E 42 27.57 20.90 0.89
CA GLN E 42 28.87 20.24 0.99
C GLN E 42 29.77 21.11 1.85
N ALA E 43 29.84 20.82 3.14
CA ALA E 43 30.67 21.59 4.04
C ALA E 43 32.14 21.48 3.62
N PRO E 44 32.93 22.53 3.83
CA PRO E 44 34.32 22.51 3.33
C PRO E 44 35.14 21.36 3.91
N GLY E 45 35.53 20.44 3.05
CA GLY E 45 36.31 19.29 3.49
C GLY E 45 35.45 18.12 3.94
N LYS E 46 34.30 18.41 4.53
CA LYS E 46 33.41 17.38 5.03
C LYS E 46 32.58 16.80 3.88
N GLY E 47 31.69 15.87 4.19
CA GLY E 47 30.91 15.17 3.19
C GLY E 47 29.55 15.82 2.93
N LEU E 48 28.83 15.21 2.00
CA LEU E 48 27.52 15.72 1.59
C LEU E 48 26.53 15.66 2.75
N GLU E 49 25.62 16.62 2.78
CA GLU E 49 24.55 16.64 3.76
C GLU E 49 23.28 17.17 3.11
N TRP E 50 22.22 16.37 3.16
CA TRP E 50 20.94 16.81 2.65
C TRP E 50 20.34 17.85 3.58
N VAL E 51 19.77 18.91 3.00
CA VAL E 51 19.33 20.08 3.74
C VAL E 51 17.81 20.17 3.79
N ALA E 52 17.16 20.26 2.64
CA ALA E 52 15.71 20.42 2.61
C ALA E 52 15.21 19.98 1.24
N SER E 53 13.89 19.76 1.16
CA SER E 53 13.28 19.20 -0.03
C SER E 53 11.94 19.85 -0.30
N ILE E 54 11.54 19.84 -1.56
CA ILE E 54 10.26 20.36 -2.01
C ILE E 54 9.67 19.41 -3.04
N SER E 55 8.36 19.25 -3.01
CA SER E 55 7.63 18.57 -4.07
C SER E 55 6.81 19.64 -4.79
N SER E 56 7.13 19.90 -6.05
CA SER E 56 6.55 21.03 -6.75
C SER E 56 5.04 20.91 -6.83
N SER E 57 4.54 19.71 -7.11
CA SER E 57 3.12 19.40 -7.02
C SER E 57 2.84 18.76 -5.67
N SER E 58 1.72 19.15 -5.06
CA SER E 58 1.23 18.78 -3.74
C SER E 58 1.96 19.53 -2.63
N GLY E 59 3.00 20.30 -2.93
CA GLY E 59 3.57 21.21 -1.94
C GLY E 59 4.03 20.56 -0.65
N SER E 60 4.78 19.46 -0.75
CA SER E 60 5.31 18.76 0.41
C SER E 60 6.75 19.18 0.62
N THR E 61 7.10 19.56 1.84
CA THR E 61 8.44 19.97 2.21
C THR E 61 9.05 18.99 3.19
N SER E 62 10.37 19.11 3.38
CA SER E 62 11.08 18.32 4.37
C SER E 62 12.33 19.09 4.76
N TYR E 63 12.84 18.80 5.96
CA TYR E 63 14.00 19.49 6.48
C TYR E 63 14.88 18.50 7.24
N ALA E 64 16.12 18.89 7.44
CA ALA E 64 17.17 17.96 7.86
C ALA E 64 17.32 17.82 9.36
N ASP E 65 16.45 18.46 10.15
CA ASP E 65 16.49 18.49 11.61
C ASP E 65 17.67 19.27 12.16
N SER E 66 18.57 19.75 11.30
CA SER E 66 19.56 20.74 11.68
C SER E 66 19.25 22.11 11.07
N VAL E 67 18.38 22.15 10.07
CA VAL E 67 17.89 23.38 9.47
C VAL E 67 16.37 23.35 9.53
N LYS E 68 15.84 22.62 10.51
CA LYS E 68 14.40 22.31 10.53
C LYS E 68 13.56 23.57 10.65
N GLY E 69 13.84 24.41 11.64
CA GLY E 69 13.03 25.58 11.87
C GLY E 69 13.57 26.83 11.23
N ARG E 70 14.80 26.77 10.75
CA ARG E 70 15.47 27.95 10.20
C ARG E 70 15.22 28.14 8.72
N PHE E 71 15.25 27.07 7.93
CA PHE E 71 15.14 27.16 6.49
C PHE E 71 13.69 26.90 6.05
N THR E 72 13.29 27.56 4.98
CA THR E 72 12.00 27.31 4.34
C THR E 72 12.19 27.28 2.83
N ILE E 73 11.75 26.20 2.20
CA ILE E 73 11.78 26.09 0.75
C ILE E 73 10.43 26.52 0.19
N SER E 74 10.47 27.37 -0.82
CA SER E 74 9.32 27.67 -1.66
C SER E 74 9.65 27.25 -3.09
N ALA E 75 8.65 27.33 -3.96
CA ALA E 75 8.84 26.97 -5.35
C ALA E 75 7.72 27.59 -6.18
N ASP E 76 8.08 28.40 -7.17
CA ASP E 76 7.11 29.02 -8.06
C ASP E 76 7.00 28.15 -9.30
N THR E 77 5.84 27.50 -9.47
CA THR E 77 5.69 26.52 -10.54
C THR E 77 5.82 27.17 -11.92
N SER E 78 5.23 28.34 -12.12
CA SER E 78 5.42 29.06 -13.38
C SER E 78 6.59 30.03 -13.31
N LYS E 79 7.70 29.58 -12.75
CA LYS E 79 9.00 30.20 -12.95
C LYS E 79 10.11 29.16 -13.05
N ASN E 80 9.80 27.88 -12.85
CA ASN E 80 10.79 26.81 -12.83
C ASN E 80 11.95 27.15 -11.90
N THR E 81 11.62 27.69 -10.72
CA THR E 81 12.62 28.19 -9.80
C THR E 81 12.20 27.82 -8.37
N ALA E 82 13.02 27.02 -7.71
CA ALA E 82 12.79 26.65 -6.31
C ALA E 82 13.74 27.44 -5.43
N TYR E 83 13.22 28.04 -4.37
CA TYR E 83 14.00 28.90 -3.49
C TYR E 83 14.28 28.21 -2.17
N LEU E 84 15.34 28.66 -1.52
CA LEU E 84 15.68 28.22 -0.17
C LEU E 84 15.96 29.47 0.66
N GLN E 85 15.02 29.81 1.54
CA GLN E 85 15.19 30.95 2.44
C GLN E 85 15.90 30.49 3.71
N MET E 86 17.03 31.07 3.95
CA MET E 86 17.86 30.72 5.09
C MET E 86 17.76 31.79 6.17
N ASN E 87 17.23 31.50 7.34
CA ASN E 87 17.11 32.44 8.46
C ASN E 87 18.01 31.93 9.58
N SER E 88 18.27 32.82 10.54
CA SER E 88 19.04 32.51 11.73
C SER E 88 20.27 31.68 11.38
N LEU E 89 21.09 32.18 10.44
CA LEU E 89 22.26 31.48 9.88
C LEU E 89 23.42 31.37 10.86
N ARG E 90 23.87 30.18 11.19
CA ARG E 90 24.91 29.89 12.15
C ARG E 90 26.24 29.70 11.43
N ALA E 91 27.32 29.69 12.22
CA ALA E 91 28.65 29.56 11.65
C ALA E 91 28.85 28.21 10.97
N GLU E 92 28.02 27.22 11.29
CA GLU E 92 28.11 25.89 10.70
C GLU E 92 27.32 25.77 9.39
N ASP E 93 26.57 26.78 8.99
CA ASP E 93 25.73 26.76 7.78
C ASP E 93 26.55 27.10 6.55
N THR E 94 27.81 27.38 6.70
CA THR E 94 28.63 27.65 5.52
C THR E 94 29.00 26.35 4.83
N ALA E 95 28.75 26.29 3.53
CA ALA E 95 28.99 25.10 2.72
C ALA E 95 28.81 25.49 1.26
N VAL E 96 28.83 24.50 0.38
CA VAL E 96 28.48 24.67 -1.02
C VAL E 96 27.13 23.99 -1.23
N TYR E 97 26.12 24.78 -1.60
CA TYR E 97 24.75 24.30 -1.66
C TYR E 97 24.40 23.88 -3.08
N TYR E 98 24.19 22.59 -3.28
CA TYR E 98 23.74 22.06 -4.56
C TYR E 98 22.24 21.88 -4.54
N CYS E 99 21.59 22.23 -5.65
CA CYS E 99 20.18 21.93 -5.85
C CYS E 99 20.06 20.77 -6.83
N ALA E 100 19.32 19.75 -6.44
CA ALA E 100 19.21 18.51 -7.19
C ALA E 100 17.77 18.31 -7.66
N ARG E 101 17.52 17.18 -8.30
CA ARG E 101 16.21 16.87 -8.87
C ARG E 101 15.86 15.43 -8.55
N GLY E 102 14.84 15.22 -7.73
CA GLY E 102 14.33 13.89 -7.48
C GLY E 102 13.76 13.32 -8.76
N GLY E 103 14.37 12.25 -9.27
CA GLY E 103 14.09 11.83 -10.63
C GLY E 103 13.24 10.59 -10.81
N TRP E 104 12.17 10.47 -10.02
CA TRP E 104 11.19 9.39 -10.11
C TRP E 104 11.75 8.04 -9.70
N ILE E 105 13.04 7.97 -9.38
CA ILE E 105 13.72 6.71 -9.10
C ILE E 105 14.25 6.67 -7.68
N ALA E 106 13.85 7.63 -6.84
CA ALA E 106 14.40 7.79 -5.49
C ALA E 106 15.91 7.98 -5.56
N ALA E 107 16.32 8.98 -6.32
CA ALA E 107 17.71 9.36 -6.51
C ALA E 107 17.75 10.70 -7.21
N MET E 108 18.71 11.52 -6.85
CA MET E 108 18.82 12.90 -7.37
C MET E 108 19.68 12.80 -8.61
N ASP E 109 19.10 12.51 -9.76
CA ASP E 109 19.83 12.17 -10.97
C ASP E 109 20.57 13.37 -11.55
N TYR E 110 19.96 14.55 -11.51
CA TYR E 110 20.59 15.76 -12.04
C TYR E 110 20.89 16.71 -10.91
N TRP E 111 22.12 17.19 -10.86
CA TRP E 111 22.57 18.13 -9.84
C TRP E 111 22.90 19.47 -10.48
N GLY E 112 22.95 20.50 -9.65
CA GLY E 112 23.35 21.82 -10.07
C GLY E 112 24.85 21.92 -10.18
N GLN E 113 25.37 23.10 -9.86
CA GLN E 113 26.81 23.34 -9.85
C GLN E 113 27.36 23.68 -8.48
N GLY E 114 26.57 24.33 -7.63
CA GLY E 114 27.05 24.72 -6.32
C GLY E 114 27.00 26.22 -6.13
N THR E 115 26.75 26.66 -4.89
CA THR E 115 26.66 28.07 -4.57
C THR E 115 27.21 28.25 -3.16
N LEU E 116 28.44 28.77 -3.07
CA LEU E 116 29.10 28.93 -1.78
C LEU E 116 28.33 29.94 -0.92
N VAL E 117 28.04 29.55 0.31
CA VAL E 117 27.43 30.42 1.32
C VAL E 117 28.45 30.53 2.44
N THR E 118 28.89 31.76 2.73
CA THR E 118 29.93 31.98 3.73
C THR E 118 29.34 32.79 4.88
N VAL E 119 29.00 32.10 5.97
CA VAL E 119 28.53 32.78 7.17
C VAL E 119 29.73 33.32 7.91
N PHE E 120 29.93 34.64 7.86
CA PHE E 120 31.13 35.28 8.38
C PHE E 120 30.75 36.24 9.49
N ASN E 121 31.53 36.24 10.56
CA ASN E 121 31.27 37.13 11.68
C ASN E 121 32.13 38.39 11.61
C21 MOV F . 5.00 9.20 -1.70
C20 MOV F . 6.06 8.83 -2.71
C19 MOV F . 5.46 8.20 -3.96
N6 MOV F . 4.58 9.15 -4.64
C23 MOV F . 3.45 8.80 -5.26
O2 MOV F . 2.38 8.75 -4.65
C24 MOV F . 3.52 8.47 -6.71
C25 MOV F . 2.18 8.61 -7.40
C18 MOV F . 5.03 10.54 -4.60
C17 MOV F . 6.51 10.61 -4.37
N2 MOV F . 6.85 10.01 -3.08
C7 MOV F . 7.78 10.53 -2.26
N3 MOV F . 7.37 11.05 -1.10
C8 MOV F . 8.23 11.61 -0.24
O1 MOV F . 7.86 12.08 0.83
N4 MOV F . 9.60 11.66 -0.58
C9 MOV F . 10.55 12.29 0.30
C13 MOV F . 11.36 11.54 1.13
C22 MOV F . 11.24 10.05 1.21
C12 MOV F . 12.28 12.22 1.92
C11 MOV F . 12.36 13.59 1.83
N5 MOV F . 11.61 14.33 1.01
C10 MOV F . 10.71 13.70 0.24
C14 MOV F . 9.87 14.56 -0.69
C16 MOV F . 9.45 15.83 0.01
C15 MOV F . 10.63 14.85 -1.96
C2 MOV F . 10.04 11.17 -1.78
N1 MOV F . 11.34 11.27 -2.02
C1 MOV F . 9.14 10.59 -2.66
C5 MOV F . 9.63 10.07 -3.86
C4 MOV F . 10.97 10.17 -4.11
F1 MOV F . 11.46 9.69 -5.26
C3 MOV F . 11.82 10.78 -3.17
C6 MOV F . 13.28 10.94 -3.34
C30 MOV F . 13.78 11.88 -4.22
F2 MOV F . 12.93 12.62 -4.95
C29 MOV F . 15.13 12.07 -4.40
C28 MOV F . 16.01 11.29 -3.65
C27 MOV F . 15.55 10.37 -2.75
C26 MOV F . 14.18 10.18 -2.59
O3 MOV F . 13.71 9.25 -1.69
#